data_3U6O
#
_entry.id   3U6O
#
_cell.length_a   45.188
_cell.length_b   93.541
_cell.length_c   104.650
_cell.angle_alpha   90.00
_cell.angle_beta   90.00
_cell.angle_gamma   90.00
#
_symmetry.space_group_name_H-M   'P 21 21 21'
#
loop_
_entity.id
_entity.type
_entity.pdbx_description
1 polymer 'Formamidopyrimidine-DNA glycosylase'
2 polymer "DNA (5'-D(*A*GP*GP*TP*AP*GP*AP*TP*CP*CP*TP*GP*AP*CP*GP*C)-3')"
3 polymer "DNA (5'-D(*TP*GP*CP*GP*TP*CP*AP*GP*GP*AP*(08Q)P*CP*TP*AP*CP*C)-3')"
4 non-polymer 'ZINC ION'
5 water water
#
loop_
_entity_poly.entity_id
_entity_poly.type
_entity_poly.pdbx_seq_one_letter_code
_entity_poly.pdbx_strand_id
1 'polypeptide(L)'
;PQLPEVETIRRTLLPLIVGKTIEDVRIFWPNIIRHPRDSEAFAARMIGQTVRGLERRGKFLKFLLDRDALISHLRMEGRY
AVASALEPLEPHTHVVFCFTDGSELRYRDVRKFGTMHVYAKEEADRRPPLAELGPEPLSPAFSPAVLAERAVKTKRSVKA
LLLDCTVVAGFGNIYVDESLFRAGILPGRPAASLSSKEIERLHEEMVATIGEAVMKGGSTPRTYVNTQGEAGTFQHHLYV
YGRQGNPCKRCGTPIEKTVVAGRGTHYCPRCQR
;
A
2 'polydeoxyribonucleotide' (DA)(DG)(DG)(DT)(DA)(DG)(DA)(DT)(DC)(DC)(DT)(DG)(DA)(DC)(DG)(DC) B
3 'polydeoxyribonucleotide' (DT)(DG)(DC)(DG)(DT)(DC)(DA)(DG)(DG)(DA)(08Q)(DC)(DT)(DA)(DC)(DC) C
#
loop_
_chem_comp.id
_chem_comp.type
_chem_comp.name
_chem_comp.formula
08Q non-polymer 5'-O-{(S)-hydroxy[(2-sulfanylethyl)amino]phosphoryl}thymidine 'C12 H20 N3 O7 P S'
DA DNA linking 2'-DEOXYADENOSINE-5'-MONOPHOSPHATE 'C10 H14 N5 O6 P'
DC DNA linking 2'-DEOXYCYTIDINE-5'-MONOPHOSPHATE 'C9 H14 N3 O7 P'
DG DNA linking 2'-DEOXYGUANOSINE-5'-MONOPHOSPHATE 'C10 H14 N5 O7 P'
DT DNA linking THYMIDINE-5'-MONOPHOSPHATE 'C10 H15 N2 O8 P'
ZN non-polymer 'ZINC ION' 'Zn 2'
#
# COMPACT_ATOMS: atom_id res chain seq x y z
N PRO A 1 4.38 -5.86 0.41
CA PRO A 1 4.29 -5.20 1.72
C PRO A 1 2.96 -4.46 1.90
N GLN A 2 2.46 -4.43 3.13
CA GLN A 2 1.23 -3.70 3.42
C GLN A 2 1.56 -2.32 3.98
N LEU A 3 0.53 -1.52 4.26
CA LEU A 3 0.74 -0.14 4.67
C LEU A 3 1.77 0.01 5.80
N PRO A 4 1.64 -0.77 6.88
CA PRO A 4 2.59 -0.58 7.97
C PRO A 4 4.04 -0.85 7.53
N GLU A 5 4.24 -1.85 6.68
CA GLU A 5 5.58 -2.14 6.18
C GLU A 5 6.08 -1.00 5.29
N VAL A 6 5.18 -0.45 4.47
CA VAL A 6 5.55 0.67 3.61
C VAL A 6 5.96 1.89 4.44
N GLU A 7 5.30 2.11 5.56
CA GLU A 7 5.69 3.21 6.45
C GLU A 7 7.07 2.97 7.02
N THR A 8 7.36 1.71 7.38
CA THR A 8 8.69 1.37 7.89
C THR A 8 9.76 1.64 6.83
N ILE A 9 9.46 1.29 5.59
CA ILE A 9 10.36 1.56 4.47
C ILE A 9 10.61 3.06 4.32
N ARG A 10 9.54 3.85 4.34
CA ARG A 10 9.68 5.30 4.22
C ARG A 10 10.63 5.87 5.28
N ARG A 11 10.43 5.44 6.51
CA ARG A 11 11.22 5.94 7.64
C ARG A 11 12.68 5.54 7.55
N THR A 12 12.93 4.30 7.17
CA THR A 12 14.29 3.75 7.20
C THR A 12 15.08 4.09 5.94
N LEU A 13 14.38 4.23 4.82
CA LEU A 13 15.05 4.52 3.54
C LEU A 13 15.51 5.98 3.44
N LEU A 14 14.72 6.90 3.98
CA LEU A 14 14.97 8.33 3.80
C LEU A 14 16.39 8.77 4.16
N PRO A 15 16.86 8.43 5.37
CA PRO A 15 18.22 8.87 5.74
C PRO A 15 19.30 8.24 4.85
N LEU A 16 18.99 7.12 4.22
CA LEU A 16 19.95 6.43 3.37
C LEU A 16 20.07 7.05 1.98
N ILE A 17 19.13 7.92 1.62
CA ILE A 17 19.15 8.53 0.30
C ILE A 17 19.06 10.06 0.29
N VAL A 18 18.61 10.66 1.39
CA VAL A 18 18.42 12.12 1.39
C VAL A 18 19.72 12.86 1.09
N GLY A 19 19.64 13.89 0.23
CA GLY A 19 20.79 14.70 -0.10
C GLY A 19 21.71 14.09 -1.14
N LYS A 20 21.35 12.91 -1.63
CA LYS A 20 22.13 12.29 -2.70
C LYS A 20 21.61 12.74 -4.07
N THR A 21 22.52 12.86 -5.02
CA THR A 21 22.17 13.35 -6.35
C THR A 21 22.19 12.20 -7.35
N ILE A 22 21.13 12.09 -8.13
CA ILE A 22 21.05 11.02 -9.13
C ILE A 22 22.00 11.29 -10.29
N GLU A 23 22.81 10.29 -10.63
CA GLU A 23 23.72 10.42 -11.74
C GLU A 23 23.28 9.54 -12.90
N ASP A 24 22.53 8.47 -12.60
CA ASP A 24 22.02 7.54 -13.62
C ASP A 24 20.76 6.81 -13.16
N VAL A 25 19.91 6.41 -14.11
CA VAL A 25 18.78 5.54 -13.80
C VAL A 25 18.77 4.38 -14.79
N ARG A 26 18.79 3.16 -14.27
CA ARG A 26 18.88 1.97 -15.10
C ARG A 26 17.65 1.09 -14.95
N ILE A 27 17.07 0.71 -16.08
CA ILE A 27 15.78 0.03 -16.07
C ILE A 27 15.86 -1.30 -16.83
N PHE A 28 15.53 -2.39 -16.13
CA PHE A 28 15.67 -3.74 -16.70
C PHE A 28 14.33 -4.41 -16.96
N TRP A 29 13.25 -3.81 -16.48
CA TRP A 29 11.89 -4.23 -16.83
C TRP A 29 11.03 -2.99 -16.99
N PRO A 30 10.94 -2.47 -18.23
CA PRO A 30 10.32 -1.18 -18.52
C PRO A 30 8.84 -1.13 -18.17
N ASN A 31 8.17 -2.28 -18.17
CA ASN A 31 6.74 -2.33 -17.84
C ASN A 31 6.43 -1.69 -16.50
N ILE A 32 7.41 -1.70 -15.60
CA ILE A 32 7.25 -1.10 -14.28
C ILE A 32 7.05 0.42 -14.38
N ILE A 33 7.71 1.05 -15.36
CA ILE A 33 7.57 2.49 -15.55
C ILE A 33 6.25 2.84 -16.21
N ARG A 34 5.42 3.61 -15.51
CA ARG A 34 4.08 3.92 -16.00
C ARG A 34 3.92 5.37 -16.50
N HIS A 35 4.75 6.28 -15.98
CA HIS A 35 4.82 7.65 -16.49
C HIS A 35 6.15 8.30 -16.15
N PRO A 36 6.77 8.99 -17.12
CA PRO A 36 6.41 9.01 -18.54
C PRO A 36 6.32 7.58 -19.06
N ARG A 37 5.49 7.33 -20.06
CA ARG A 37 5.32 5.96 -20.55
C ARG A 37 6.64 5.43 -21.12
N ASP A 38 7.39 6.34 -21.76
CA ASP A 38 8.72 6.02 -22.28
C ASP A 38 9.72 5.96 -21.13
N SER A 39 10.24 4.76 -20.85
CA SER A 39 11.19 4.58 -19.76
C SER A 39 12.46 5.42 -19.95
N GLU A 40 12.79 5.75 -21.19
CA GLU A 40 13.97 6.58 -21.45
C GLU A 40 13.76 8.02 -20.98
N ALA A 41 12.53 8.52 -21.08
CA ALA A 41 12.20 9.86 -20.59
C ALA A 41 12.19 9.88 -19.06
N PHE A 42 11.68 8.80 -18.47
CA PHE A 42 11.68 8.60 -17.02
C PHE A 42 13.12 8.72 -16.48
N ALA A 43 14.03 7.95 -17.07
CA ALA A 43 15.41 7.97 -16.64
C ALA A 43 16.08 9.34 -16.85
N ALA A 44 15.92 9.90 -18.04
CA ALA A 44 16.57 11.18 -18.37
C ALA A 44 16.21 12.33 -17.43
N ARG A 45 14.93 12.42 -17.05
CA ARG A 45 14.49 13.59 -16.28
C ARG A 45 14.99 13.57 -14.85
N MET A 46 15.22 12.38 -14.32
CA MET A 46 15.64 12.26 -12.92
CA MET A 46 15.65 12.19 -12.94
C MET A 46 17.11 12.58 -12.73
N ILE A 47 17.91 12.39 -13.75
CA ILE A 47 19.35 12.66 -13.64
C ILE A 47 19.65 14.11 -13.27
N GLY A 48 20.50 14.28 -12.27
CA GLY A 48 20.88 15.61 -11.83
C GLY A 48 20.04 16.14 -10.68
N GLN A 49 18.96 15.43 -10.38
CA GLN A 49 18.12 15.83 -9.26
C GLN A 49 18.60 15.20 -7.95
N THR A 50 18.43 15.95 -6.88
CA THR A 50 18.83 15.50 -5.55
C THR A 50 17.59 15.08 -4.78
N VAL A 51 17.72 14.00 -4.00
CA VAL A 51 16.62 13.50 -3.20
C VAL A 51 16.44 14.44 -2.00
N ARG A 52 15.25 14.99 -1.85
CA ARG A 52 15.02 15.96 -0.79
C ARG A 52 14.12 15.41 0.30
N GLY A 53 13.31 14.42 -0.03
CA GLY A 53 12.37 13.86 0.93
C GLY A 53 11.73 12.56 0.49
N LEU A 54 10.98 11.95 1.41
CA LEU A 54 10.29 10.69 1.13
C LEU A 54 9.03 10.63 1.96
N GLU A 55 7.89 10.60 1.29
CA GLU A 55 6.60 10.58 1.97
C GLU A 55 5.83 9.32 1.60
N ARG A 56 4.77 9.03 2.35
CA ARG A 56 3.93 7.89 2.04
C ARG A 56 2.49 8.34 1.91
N ARG A 57 1.80 7.81 0.90
CA ARG A 57 0.36 7.96 0.78
C ARG A 57 -0.26 6.60 0.51
N GLY A 58 -1.04 6.10 1.47
CA GLY A 58 -1.54 4.75 1.38
C GLY A 58 -0.35 3.80 1.35
N LYS A 59 -0.32 2.91 0.36
CA LYS A 59 0.82 2.03 0.16
C LYS A 59 1.81 2.56 -0.89
N PHE A 60 1.59 3.79 -1.34
CA PHE A 60 2.51 4.47 -2.27
C PHE A 60 3.63 5.18 -1.55
N LEU A 61 4.85 5.08 -2.07
CA LEU A 61 5.95 5.92 -1.62
C LEU A 61 6.09 7.09 -2.59
N LYS A 62 6.32 8.29 -2.04
CA LYS A 62 6.54 9.47 -2.86
C LYS A 62 7.93 10.02 -2.58
N PHE A 63 8.85 9.76 -3.50
CA PHE A 63 10.20 10.32 -3.40
C PHE A 63 10.18 11.75 -3.92
N LEU A 64 10.57 12.71 -3.08
CA LEU A 64 10.62 14.12 -3.49
C LEU A 64 12.02 14.51 -3.93
N LEU A 65 12.14 14.98 -5.16
CA LEU A 65 13.42 15.42 -5.69
C LEU A 65 13.45 16.95 -5.77
N ASP A 66 14.25 17.50 -6.68
CA ASP A 66 14.32 18.95 -6.81
C ASP A 66 13.08 19.50 -7.51
N ARG A 67 12.80 18.95 -8.69
CA ARG A 67 11.67 19.38 -9.48
C ARG A 67 10.55 18.35 -9.46
N ASP A 68 10.93 17.08 -9.48
CA ASP A 68 9.97 16.00 -9.66
C ASP A 68 9.65 15.23 -8.39
N ALA A 69 8.57 14.46 -8.43
CA ALA A 69 8.28 13.44 -7.44
C ALA A 69 8.24 12.08 -8.15
N LEU A 70 8.80 11.07 -7.50
CA LEU A 70 8.68 9.69 -7.98
C LEU A 70 7.66 8.95 -7.11
N ILE A 71 6.59 8.44 -7.73
CA ILE A 71 5.56 7.72 -6.99
C ILE A 71 5.71 6.21 -7.24
N SER A 72 5.90 5.47 -6.16
CA SER A 72 6.24 4.05 -6.27
C SER A 72 5.28 3.15 -5.48
N HIS A 73 4.81 2.06 -6.11
CA HIS A 73 4.01 1.05 -5.40
C HIS A 73 4.68 -0.30 -5.54
N LEU A 74 4.87 -1.00 -4.42
CA LEU A 74 5.61 -2.25 -4.43
C LEU A 74 4.74 -3.49 -4.69
N ARG A 75 3.43 -3.29 -4.67
CA ARG A 75 2.49 -4.42 -4.75
C ARG A 75 2.86 -5.52 -3.75
N MET A 76 2.82 -6.78 -4.19
CA MET A 76 2.98 -7.92 -3.27
C MET A 76 4.39 -8.13 -2.74
N GLU A 77 5.38 -7.96 -3.60
CA GLU A 77 6.74 -8.42 -3.29
C GLU A 77 7.86 -7.44 -3.61
N GLY A 78 7.52 -6.21 -4.01
CA GLY A 78 8.53 -5.21 -4.31
C GLY A 78 9.35 -4.86 -3.08
N ARG A 79 10.61 -4.48 -3.29
CA ARG A 79 11.49 -4.12 -2.18
C ARG A 79 12.57 -3.14 -2.65
N TYR A 80 12.94 -2.20 -1.78
CA TYR A 80 14.05 -1.28 -2.03
C TYR A 80 15.25 -1.62 -1.15
N ALA A 81 16.45 -1.40 -1.68
CA ALA A 81 17.67 -1.52 -0.87
C ALA A 81 18.66 -0.46 -1.35
N VAL A 82 19.53 0.00 -0.45
CA VAL A 82 20.60 0.90 -0.84
C VAL A 82 21.90 0.15 -0.70
N ALA A 83 22.71 0.14 -1.74
CA ALA A 83 23.97 -0.59 -1.72
C ALA A 83 24.99 0.00 -2.69
N SER A 84 26.19 -0.56 -2.66
CA SER A 84 27.30 -0.05 -3.45
C SER A 84 27.17 -0.44 -4.92
N ALA A 85 27.48 0.50 -5.81
CA ALA A 85 27.52 0.22 -7.23
C ALA A 85 28.59 -0.81 -7.58
N LEU A 86 29.46 -1.12 -6.62
CA LEU A 86 30.57 -2.03 -6.88
C LEU A 86 30.19 -3.50 -6.70
N GLU A 87 29.03 -3.76 -6.10
CA GLU A 87 28.61 -5.13 -5.82
C GLU A 87 27.60 -5.63 -6.85
N PRO A 88 27.59 -6.95 -7.10
CA PRO A 88 26.60 -7.52 -8.04
C PRO A 88 25.17 -7.30 -7.53
N LEU A 89 24.25 -7.02 -8.44
CA LEU A 89 22.85 -6.86 -8.07
C LEU A 89 22.26 -8.19 -7.62
N GLU A 90 21.28 -8.12 -6.72
CA GLU A 90 20.55 -9.32 -6.31
C GLU A 90 19.58 -9.74 -7.43
N PRO A 91 19.10 -10.98 -7.38
CA PRO A 91 18.14 -11.45 -8.40
C PRO A 91 16.88 -10.61 -8.42
N HIS A 92 16.24 -10.51 -9.60
CA HIS A 92 14.96 -9.81 -9.75
C HIS A 92 15.06 -8.30 -9.50
N THR A 93 16.23 -7.71 -9.74
CA THR A 93 16.37 -6.25 -9.66
C THR A 93 15.96 -5.61 -10.98
N HIS A 94 14.94 -4.75 -10.94
CA HIS A 94 14.33 -4.25 -12.17
C HIS A 94 14.58 -2.76 -12.44
N VAL A 95 14.82 -1.98 -11.38
CA VAL A 95 15.17 -0.56 -11.54
C VAL A 95 16.27 -0.18 -10.55
N VAL A 96 17.25 0.59 -11.04
CA VAL A 96 18.34 1.07 -10.18
C VAL A 96 18.60 2.57 -10.34
N PHE A 97 18.61 3.29 -9.23
CA PHE A 97 18.95 4.70 -9.24
C PHE A 97 20.37 4.88 -8.74
N CYS A 98 21.26 5.35 -9.61
CA CYS A 98 22.67 5.52 -9.24
C CYS A 98 22.94 6.94 -8.75
N PHE A 99 23.56 7.05 -7.58
CA PHE A 99 23.89 8.35 -6.98
C PHE A 99 25.35 8.74 -7.23
N THR A 100 25.65 10.04 -7.16
CA THR A 100 27.00 10.53 -7.44
C THR A 100 28.04 10.07 -6.44
N ASP A 101 27.60 9.52 -5.31
CA ASP A 101 28.54 9.04 -4.30
C ASP A 101 28.85 7.55 -4.43
N GLY A 102 28.45 6.95 -5.55
CA GLY A 102 28.77 5.55 -5.80
C GLY A 102 27.83 4.57 -5.13
N SER A 103 26.78 5.08 -4.49
CA SER A 103 25.76 4.19 -3.91
C SER A 103 24.55 4.14 -4.85
N GLU A 104 23.66 3.18 -4.61
CA GLU A 104 22.52 2.95 -5.48
C GLU A 104 21.27 2.64 -4.68
N LEU A 105 20.13 3.15 -5.16
CA LEU A 105 18.83 2.70 -4.68
C LEU A 105 18.29 1.65 -5.65
N ARG A 106 18.11 0.41 -5.18
CA ARG A 106 17.68 -0.68 -6.05
C ARG A 106 16.26 -1.13 -5.78
N TYR A 107 15.52 -1.37 -6.85
CA TYR A 107 14.17 -1.91 -6.74
C TYR A 107 14.11 -3.36 -7.24
N ARG A 108 13.75 -4.28 -6.35
N ARG A 108 13.73 -4.28 -6.35
CA ARG A 108 13.57 -5.68 -6.72
CA ARG A 108 13.60 -5.70 -6.67
C ARG A 108 12.10 -6.04 -6.63
C ARG A 108 12.15 -6.17 -6.50
N ASP A 109 11.69 -7.03 -7.41
CA ASP A 109 10.30 -7.46 -7.42
C ASP A 109 10.15 -8.76 -8.22
N VAL A 110 10.10 -9.90 -7.51
CA VAL A 110 10.02 -11.19 -8.19
C VAL A 110 8.82 -11.26 -9.13
N ARG A 111 7.69 -10.71 -8.72
CA ARG A 111 6.46 -10.79 -9.50
C ARG A 111 6.36 -9.72 -10.59
N LYS A 112 7.16 -8.66 -10.45
CA LYS A 112 7.14 -7.55 -11.41
C LYS A 112 5.80 -6.83 -11.47
N PHE A 113 5.08 -6.78 -10.34
CA PHE A 113 3.78 -6.12 -10.30
C PHE A 113 3.88 -4.64 -9.92
N GLY A 114 5.01 -4.23 -9.36
CA GLY A 114 5.17 -2.87 -8.88
C GLY A 114 5.10 -1.81 -9.98
N THR A 115 4.84 -0.56 -9.59
CA THR A 115 4.71 0.54 -10.55
C THR A 115 5.51 1.78 -10.14
N MET A 116 5.92 2.56 -11.14
CA MET A 116 6.59 3.85 -10.91
C MET A 116 6.03 4.95 -11.84
N HIS A 117 5.68 6.10 -11.26
CA HIS A 117 5.23 7.27 -12.02
C HIS A 117 6.08 8.47 -11.60
N VAL A 118 6.56 9.27 -12.55
CA VAL A 118 7.25 10.52 -12.23
C VAL A 118 6.52 11.73 -12.81
N TYR A 119 6.27 12.74 -11.97
CA TYR A 119 5.71 14.02 -12.43
C TYR A 119 6.40 15.18 -11.72
N ALA A 120 6.26 16.39 -12.28
CA ALA A 120 6.61 17.58 -11.52
C ALA A 120 5.89 17.51 -10.17
N LYS A 121 6.58 17.89 -9.10
CA LYS A 121 6.01 17.78 -7.74
C LYS A 121 4.59 18.30 -7.65
N GLU A 122 4.37 19.49 -8.20
CA GLU A 122 3.09 20.17 -8.03
C GLU A 122 1.93 19.45 -8.72
N GLU A 123 2.26 18.49 -9.58
CA GLU A 123 1.23 17.76 -10.32
C GLU A 123 0.96 16.36 -9.77
N ALA A 124 1.91 15.83 -9.00
CA ALA A 124 1.83 14.44 -8.56
C ALA A 124 0.50 14.08 -7.88
N ASP A 125 0.02 14.96 -7.01
CA ASP A 125 -1.19 14.67 -6.26
C ASP A 125 -2.46 14.71 -7.10
N ARG A 126 -2.42 15.30 -8.28
CA ARG A 126 -3.61 15.35 -9.13
C ARG A 126 -3.53 14.47 -10.38
N ARG A 127 -2.57 13.55 -10.39
CA ARG A 127 -2.42 12.60 -11.48
CA ARG A 127 -2.40 12.60 -11.48
C ARG A 127 -2.43 11.18 -10.92
N PRO A 128 -2.64 10.18 -11.79
CA PRO A 128 -2.57 8.82 -11.26
C PRO A 128 -1.13 8.54 -10.85
N PRO A 129 -0.93 7.64 -9.87
CA PRO A 129 -1.96 6.86 -9.19
C PRO A 129 -2.47 7.49 -7.89
N LEU A 130 -2.05 8.72 -7.58
CA LEU A 130 -2.43 9.34 -6.32
C LEU A 130 -3.79 10.04 -6.39
N ALA A 131 -4.16 10.50 -7.58
CA ALA A 131 -5.44 11.15 -7.77
C ALA A 131 -6.55 10.22 -7.28
N GLU A 132 -7.51 10.78 -6.55
CA GLU A 132 -8.67 10.01 -6.10
C GLU A 132 -8.38 9.14 -4.88
N LEU A 133 -7.12 9.10 -4.46
CA LEU A 133 -6.75 8.30 -3.28
C LEU A 133 -7.53 8.79 -2.07
N GLY A 134 -8.14 7.86 -1.35
CA GLY A 134 -8.90 8.21 -0.15
C GLY A 134 -8.01 8.66 0.97
N PRO A 135 -8.60 9.06 2.10
CA PRO A 135 -7.87 9.56 3.27
C PRO A 135 -7.03 8.48 3.92
N GLU A 136 -5.96 8.88 4.60
CA GLU A 136 -5.16 7.94 5.38
C GLU A 136 -6.04 7.31 6.45
N PRO A 137 -5.96 5.99 6.62
CA PRO A 137 -6.78 5.33 7.64
C PRO A 137 -6.52 5.84 9.05
N LEU A 138 -5.33 6.38 9.30
CA LEU A 138 -4.98 6.88 10.63
C LEU A 138 -5.12 8.38 10.77
N SER A 139 -5.81 9.02 9.83
CA SER A 139 -6.00 10.47 9.89
C SER A 139 -7.44 10.81 10.23
N PRO A 140 -7.66 12.02 10.80
CA PRO A 140 -9.00 12.50 11.08
C PRO A 140 -9.87 12.51 9.83
N ALA A 141 -9.24 12.61 8.67
CA ALA A 141 -9.97 12.63 7.40
C ALA A 141 -10.72 11.32 7.15
N PHE A 142 -10.23 10.23 7.72
CA PHE A 142 -10.95 8.97 7.68
C PHE A 142 -11.79 8.82 8.95
N SER A 143 -13.08 9.07 8.83
CA SER A 143 -13.98 9.07 9.98
C SER A 143 -15.11 8.09 9.77
N PRO A 144 -15.75 7.67 10.87
CA PRO A 144 -16.93 6.81 10.73
C PRO A 144 -17.92 7.44 9.76
N ALA A 145 -18.04 8.77 9.83
CA ALA A 145 -18.97 9.50 8.98
C ALA A 145 -18.65 9.31 7.50
N VAL A 146 -17.36 9.40 7.16
CA VAL A 146 -16.92 9.18 5.80
C VAL A 146 -17.24 7.75 5.35
N LEU A 147 -16.97 6.80 6.23
CA LEU A 147 -17.22 5.40 5.94
C LEU A 147 -18.72 5.14 5.76
N ALA A 148 -19.52 5.72 6.64
CA ALA A 148 -20.97 5.58 6.55
C ALA A 148 -21.48 6.07 5.21
N GLU A 149 -20.98 7.23 4.77
CA GLU A 149 -21.40 7.83 3.51
C GLU A 149 -21.17 6.92 2.32
N ARG A 150 -20.00 6.27 2.29
CA ARG A 150 -19.65 5.39 1.19
C ARG A 150 -20.43 4.08 1.28
N ALA A 151 -20.63 3.59 2.51
CA ALA A 151 -21.34 2.35 2.73
C ALA A 151 -22.77 2.41 2.20
N VAL A 152 -23.50 3.45 2.59
CA VAL A 152 -24.90 3.59 2.21
C VAL A 152 -25.11 3.75 0.71
N LYS A 153 -24.07 4.21 0.01
CA LYS A 153 -24.21 4.57 -1.40
C LYS A 153 -23.83 3.46 -2.38
N THR A 154 -23.57 2.26 -1.87
CA THR A 154 -23.12 1.18 -2.75
C THR A 154 -23.90 -0.12 -2.56
N LYS A 155 -23.86 -0.99 -3.56
CA LYS A 155 -24.51 -2.28 -3.50
C LYS A 155 -23.52 -3.40 -3.21
N ARG A 156 -22.25 -3.04 -3.08
CA ARG A 156 -21.18 -4.02 -2.91
C ARG A 156 -21.08 -4.52 -1.47
N SER A 157 -20.30 -5.58 -1.29
CA SER A 157 -20.03 -6.14 0.03
C SER A 157 -19.19 -5.17 0.84
N VAL A 158 -19.22 -5.30 2.17
CA VAL A 158 -18.40 -4.46 3.03
C VAL A 158 -16.91 -4.71 2.77
N LYS A 159 -16.56 -5.96 2.46
CA LYS A 159 -15.17 -6.25 2.11
C LYS A 159 -14.73 -5.47 0.88
N ALA A 160 -15.56 -5.49 -0.16
CA ALA A 160 -15.25 -4.74 -1.39
C ALA A 160 -15.07 -3.25 -1.09
N LEU A 161 -15.88 -2.74 -0.18
CA LEU A 161 -15.80 -1.32 0.16
C LEU A 161 -14.46 -0.96 0.80
N LEU A 162 -14.00 -1.78 1.74
CA LEU A 162 -12.77 -1.52 2.46
C LEU A 162 -11.54 -1.68 1.56
N LEU A 163 -11.67 -2.52 0.54
CA LEU A 163 -10.57 -2.77 -0.39
C LEU A 163 -10.42 -1.64 -1.41
N ASP A 164 -11.43 -0.78 -1.48
CA ASP A 164 -11.48 0.32 -2.45
C ASP A 164 -10.58 1.46 -2.02
N CYS A 165 -9.56 1.74 -2.83
CA CYS A 165 -8.57 2.77 -2.50
C CYS A 165 -9.16 4.18 -2.41
N THR A 166 -10.29 4.42 -3.07
CA THR A 166 -10.93 5.74 -3.03
C THR A 166 -11.66 5.95 -1.70
N VAL A 167 -11.98 4.85 -1.03
CA VAL A 167 -12.67 4.90 0.25
C VAL A 167 -11.68 5.21 1.38
N VAL A 168 -10.58 4.47 1.39
CA VAL A 168 -9.55 4.62 2.41
C VAL A 168 -8.23 4.16 1.79
N ALA A 169 -7.15 4.85 2.11
CA ALA A 169 -5.88 4.66 1.42
C ALA A 169 -5.07 3.46 1.90
N GLY A 170 -4.94 2.46 1.02
CA GLY A 170 -3.99 1.38 1.23
C GLY A 170 -4.32 0.36 2.30
N PHE A 171 -5.60 0.09 2.51
CA PHE A 171 -6.03 -0.86 3.54
C PHE A 171 -6.11 -2.27 2.94
N GLY A 172 -5.09 -3.08 3.23
CA GLY A 172 -4.91 -4.35 2.54
C GLY A 172 -5.79 -5.50 2.97
N ASN A 173 -5.77 -6.58 2.19
CA ASN A 173 -6.61 -7.75 2.41
C ASN A 173 -6.48 -8.32 3.82
N ILE A 174 -5.25 -8.49 4.29
CA ILE A 174 -5.04 -9.01 5.63
C ILE A 174 -5.75 -8.17 6.68
N TYR A 175 -5.65 -6.85 6.58
CA TYR A 175 -6.26 -5.96 7.57
C TYR A 175 -7.78 -5.87 7.42
N VAL A 176 -8.28 -5.98 6.19
CA VAL A 176 -9.71 -6.06 5.98
C VAL A 176 -10.31 -7.27 6.72
N ASP A 177 -9.76 -8.46 6.48
CA ASP A 177 -10.27 -9.67 7.14
C ASP A 177 -10.11 -9.59 8.65
N GLU A 178 -8.96 -9.11 9.12
CA GLU A 178 -8.73 -9.01 10.56
C GLU A 178 -9.67 -7.99 11.20
N SER A 179 -9.85 -6.86 10.53
CA SER A 179 -10.73 -5.80 11.03
C SER A 179 -12.18 -6.25 11.09
N LEU A 180 -12.64 -6.94 10.05
CA LEU A 180 -14.00 -7.47 10.02
C LEU A 180 -14.24 -8.53 11.09
N PHE A 181 -13.25 -9.40 11.31
CA PHE A 181 -13.38 -10.35 12.39
C PHE A 181 -13.48 -9.64 13.74
N ARG A 182 -12.58 -8.67 13.95
CA ARG A 182 -12.56 -7.95 15.22
C ARG A 182 -13.83 -7.14 15.44
N ALA A 183 -14.48 -6.73 14.35
CA ALA A 183 -15.72 -5.98 14.44
C ALA A 183 -16.96 -6.89 14.42
N GLY A 184 -16.74 -8.18 14.19
CA GLY A 184 -17.83 -9.15 14.22
C GLY A 184 -18.78 -9.11 13.03
N ILE A 185 -18.22 -8.77 11.87
CA ILE A 185 -19.01 -8.54 10.65
C ILE A 185 -18.54 -9.48 9.54
N LEU A 186 -19.48 -10.23 8.95
CA LEU A 186 -19.13 -11.11 7.82
C LEU A 186 -18.68 -10.30 6.61
N PRO A 187 -17.62 -10.75 5.94
CA PRO A 187 -17.06 -10.01 4.80
C PRO A 187 -18.04 -9.87 3.64
N GLY A 188 -18.97 -10.83 3.54
CA GLY A 188 -19.91 -10.86 2.43
C GLY A 188 -21.15 -10.03 2.64
N ARG A 189 -21.29 -9.44 3.82
CA ARG A 189 -22.42 -8.55 4.11
C ARG A 189 -22.45 -7.41 3.11
N PRO A 190 -23.64 -7.07 2.59
CA PRO A 190 -23.74 -5.84 1.81
C PRO A 190 -23.32 -4.65 2.67
N ALA A 191 -22.49 -3.76 2.13
CA ALA A 191 -22.00 -2.63 2.88
C ALA A 191 -23.15 -1.77 3.41
N ALA A 192 -24.21 -1.66 2.62
CA ALA A 192 -25.36 -0.84 2.98
C ALA A 192 -26.23 -1.52 4.03
N SER A 193 -25.91 -2.77 4.36
CA SER A 193 -26.67 -3.50 5.37
C SER A 193 -26.12 -3.25 6.77
N LEU A 194 -24.96 -2.59 6.84
CA LEU A 194 -24.34 -2.29 8.13
C LEU A 194 -25.04 -1.15 8.86
N SER A 195 -25.35 -1.40 10.13
CA SER A 195 -25.95 -0.37 10.97
C SER A 195 -24.91 0.69 11.29
N SER A 196 -25.36 1.80 11.86
CA SER A 196 -24.46 2.87 12.27
C SER A 196 -23.50 2.35 13.33
N LYS A 197 -24.01 1.48 14.18
CA LYS A 197 -23.19 0.89 15.24
C LYS A 197 -22.11 -0.01 14.65
N GLU A 198 -22.47 -0.73 13.59
CA GLU A 198 -21.52 -1.62 12.92
C GLU A 198 -20.46 -0.80 12.18
N ILE A 199 -20.88 0.31 11.58
CA ILE A 199 -19.96 1.20 10.90
C ILE A 199 -18.95 1.78 11.88
N GLU A 200 -19.47 2.28 13.00
CA GLU A 200 -18.64 2.86 14.05
C GLU A 200 -17.63 1.85 14.57
N ARG A 201 -18.11 0.64 14.85
CA ARG A 201 -17.27 -0.43 15.37
C ARG A 201 -16.20 -0.84 14.37
N LEU A 202 -16.58 -0.90 13.10
CA LEU A 202 -15.66 -1.28 12.04
C LEU A 202 -14.57 -0.23 11.86
N HIS A 203 -14.95 1.04 11.86
CA HIS A 203 -13.96 2.12 11.77
C HIS A 203 -12.96 1.99 12.91
N GLU A 204 -13.50 1.75 14.11
CA GLU A 204 -12.67 1.62 15.30
C GLU A 204 -11.65 0.47 15.18
N GLU A 205 -12.11 -0.67 14.70
CA GLU A 205 -11.23 -1.83 14.56
C GLU A 205 -10.23 -1.64 13.42
N MET A 206 -10.64 -0.96 12.37
CA MET A 206 -9.74 -0.66 11.26
C MET A 206 -8.56 0.18 11.77
N VAL A 207 -8.88 1.27 12.45
CA VAL A 207 -7.85 2.15 13.00
C VAL A 207 -6.95 1.42 14.01
N ALA A 208 -7.55 0.60 14.85
CA ALA A 208 -6.80 -0.13 15.86
C ALA A 208 -5.91 -1.20 15.23
N THR A 209 -6.45 -1.93 14.26
CA THR A 209 -5.71 -3.02 13.66
C THR A 209 -4.49 -2.51 12.90
N ILE A 210 -4.70 -1.52 12.03
CA ILE A 210 -3.59 -1.00 11.25
C ILE A 210 -2.69 -0.08 12.09
N GLY A 211 -3.28 0.60 13.06
CA GLY A 211 -2.51 1.42 13.99
C GLY A 211 -1.54 0.60 14.80
N GLU A 212 -2.00 -0.55 15.30
CA GLU A 212 -1.15 -1.45 16.06
C GLU A 212 0.00 -1.96 15.19
N ALA A 213 -0.32 -2.27 13.94
CA ALA A 213 0.67 -2.82 13.01
C ALA A 213 1.76 -1.80 12.68
N VAL A 214 1.37 -0.55 12.43
CA VAL A 214 2.35 0.48 12.11
C VAL A 214 3.31 0.71 13.28
N MET A 215 2.95 0.19 14.45
CA MET A 215 3.78 0.30 15.64
C MET A 215 4.21 -1.07 16.15
N HIS A 237 0.14 -11.72 15.50
CA HIS A 237 -1.03 -12.33 16.11
C HIS A 237 -2.27 -12.12 15.24
N LEU A 238 -2.59 -13.13 14.43
CA LEU A 238 -3.73 -13.06 13.52
C LEU A 238 -4.91 -13.91 14.01
N TYR A 239 -6.11 -13.43 13.75
CA TYR A 239 -7.33 -14.14 14.16
C TYR A 239 -7.86 -15.05 13.07
N VAL A 240 -7.84 -14.58 11.81
CA VAL A 240 -8.47 -15.34 10.74
C VAL A 240 -7.61 -15.48 9.50
N TYR A 241 -6.82 -14.45 9.19
CA TYR A 241 -6.09 -14.45 7.93
C TYR A 241 -5.10 -15.61 7.83
N GLY A 242 -5.33 -16.48 6.85
CA GLY A 242 -4.47 -17.63 6.62
C GLY A 242 -4.68 -18.75 7.63
N ARG A 243 -5.78 -18.68 8.37
CA ARG A 243 -6.01 -19.62 9.47
C ARG A 243 -7.10 -20.65 9.16
N GLN A 244 -7.52 -20.73 7.90
CA GLN A 244 -8.60 -21.64 7.53
C GLN A 244 -8.34 -23.07 7.99
N GLY A 245 -9.38 -23.72 8.49
CA GLY A 245 -9.26 -25.08 8.99
C GLY A 245 -8.79 -25.15 10.42
N ASN A 246 -8.26 -24.04 10.94
CA ASN A 246 -7.84 -23.98 12.33
C ASN A 246 -8.91 -23.34 13.21
N PRO A 247 -8.90 -23.67 14.51
CA PRO A 247 -9.92 -23.14 15.41
C PRO A 247 -9.79 -21.63 15.62
N CYS A 248 -10.94 -20.96 15.62
CA CYS A 248 -11.00 -19.56 15.98
C CYS A 248 -10.39 -19.36 17.37
N LYS A 249 -9.58 -18.32 17.53
CA LYS A 249 -8.93 -18.06 18.81
C LYS A 249 -9.91 -17.55 19.85
N ARG A 250 -11.11 -17.18 19.43
N ARG A 250 -11.10 -17.18 19.42
CA ARG A 250 -12.11 -16.63 20.33
CA ARG A 250 -12.11 -16.64 20.33
C ARG A 250 -13.21 -17.65 20.66
C ARG A 250 -13.18 -17.67 20.68
N CYS A 251 -13.57 -18.50 19.71
CA CYS A 251 -14.68 -19.45 19.92
C CYS A 251 -14.38 -20.91 19.57
N GLY A 252 -13.24 -21.16 18.93
CA GLY A 252 -12.85 -22.53 18.61
C GLY A 252 -13.49 -23.11 17.36
N THR A 253 -14.39 -22.35 16.74
CA THR A 253 -15.01 -22.77 15.49
C THR A 253 -13.97 -22.73 14.38
N PRO A 254 -13.96 -23.76 13.51
CA PRO A 254 -12.98 -23.73 12.42
C PRO A 254 -13.14 -22.50 11.54
N ILE A 255 -12.04 -21.79 11.34
CA ILE A 255 -12.02 -20.65 10.44
C ILE A 255 -12.27 -21.15 9.01
N GLU A 256 -13.04 -20.40 8.26
CA GLU A 256 -13.38 -20.80 6.91
C GLU A 256 -12.76 -19.82 5.92
N LYS A 257 -12.54 -20.30 4.69
CA LYS A 257 -12.01 -19.47 3.63
C LYS A 257 -12.90 -19.59 2.40
N THR A 258 -13.30 -18.45 1.86
CA THR A 258 -14.03 -18.40 0.61
C THR A 258 -13.45 -17.29 -0.25
N VAL A 259 -14.15 -16.97 -1.33
CA VAL A 259 -13.78 -15.85 -2.17
C VAL A 259 -14.84 -14.75 -2.05
N VAL A 260 -14.41 -13.55 -1.70
CA VAL A 260 -15.29 -12.40 -1.63
C VAL A 260 -14.62 -11.22 -2.33
N ALA A 261 -15.34 -10.59 -3.25
CA ALA A 261 -14.76 -9.53 -4.07
C ALA A 261 -13.48 -10.01 -4.75
N GLY A 262 -13.50 -11.25 -5.21
CA GLY A 262 -12.37 -11.82 -5.94
C GLY A 262 -11.13 -12.11 -5.13
N ARG A 263 -11.20 -11.92 -3.82
CA ARG A 263 -10.04 -12.13 -2.95
C ARG A 263 -10.25 -13.28 -1.96
N GLY A 264 -9.16 -13.96 -1.62
CA GLY A 264 -9.19 -14.95 -0.56
C GLY A 264 -9.71 -14.28 0.69
N THR A 265 -10.72 -14.88 1.31
CA THR A 265 -11.41 -14.23 2.41
C THR A 265 -11.60 -15.19 3.58
N HIS A 266 -11.14 -14.77 4.75
CA HIS A 266 -11.10 -15.62 5.92
C HIS A 266 -11.98 -15.06 7.01
N TYR A 267 -12.78 -15.93 7.64
CA TYR A 267 -13.71 -15.46 8.64
C TYR A 267 -14.12 -16.58 9.58
N CYS A 268 -14.61 -16.20 10.74
CA CYS A 268 -15.21 -17.16 11.64
C CYS A 268 -16.72 -17.09 11.49
N PRO A 269 -17.36 -18.21 11.09
CA PRO A 269 -18.80 -18.15 10.84
C PRO A 269 -19.61 -18.00 12.12
N ARG A 270 -18.96 -18.10 13.28
CA ARG A 270 -19.67 -17.92 14.54
C ARG A 270 -19.53 -16.51 15.09
N CYS A 271 -18.29 -16.01 15.11
CA CYS A 271 -18.01 -14.67 15.64
C CYS A 271 -18.51 -13.55 14.74
N GLN A 272 -18.57 -13.82 13.43
CA GLN A 272 -18.97 -12.78 12.48
C GLN A 272 -20.38 -13.02 11.94
N ARG A 273 -21.16 -11.95 11.83
CA ARG A 273 -22.56 -12.05 11.44
C ARG A 273 -22.94 -11.03 10.35
P 08Q C 11 -4.83 3.54 -8.97
OP1 08Q C 11 -6.13 3.14 -9.56
C8' 08Q C 11 -6.40 5.78 -6.32
C7' 08Q C 11 -6.09 4.58 -7.20
C5' 08Q C 11 -3.23 3.36 -11.13
O5' 08Q C 11 -3.82 4.10 -10.03
C4' 08Q C 11 -4.24 2.87 -12.21
O4' 08Q C 11 -5.16 1.79 -11.64
C3' 08Q C 11 -5.17 3.20 -13.24
O3' 08Q C 11 -4.50 3.97 -14.23
C2' 08Q C 11 -5.71 1.78 -13.82
C1' 08Q C 11 -6.18 1.42 -12.61
N1 08Q C 11 -6.88 0.30 -12.10
C2 08Q C 11 -6.91 -0.95 -12.74
O2 08Q C 11 -6.23 -1.17 -13.74
N3 08Q C 11 -7.68 -1.98 -12.19
C4 08Q C 11 -8.46 -1.73 -11.05
N4 08Q C 11 -5.01 4.88 -8.13
O4 08Q C 11 -9.15 -2.64 -10.58
C5 08Q C 11 -8.45 -0.48 -10.46
C7 08Q C 11 -9.30 -0.22 -9.22
C6 08Q C 11 -7.67 0.53 -11.00
S 08Q C 11 -7.76 5.30 -5.21
ZN ZN D . -15.04 -17.40 16.34
#